data_1HH9
#
_entry.id   1HH9
#
_cell.length_a   102.720
_cell.length_b   102.720
_cell.length_c   295.240
_cell.angle_alpha   90.00
_cell.angle_beta   90.00
_cell.angle_gamma   120.00
#
_symmetry.space_group_name_H-M   'P 61 2 2'
#
loop_
_entity.id
_entity.type
_entity.pdbx_description
1 polymer 'IGG2A KAPPA ANTIBODY CB41 (LIGHT CHAIN)'
2 polymer 'IGG2A KAPPA ANTIBODY CB41 (HEAVY CHAIN)'
3 polymer PEP-2
4 water water
#
loop_
_entity_poly.entity_id
_entity_poly.type
_entity_poly.pdbx_seq_one_letter_code
_entity_poly.pdbx_strand_id
1 'polypeptide(L)'
;DIKMTQSPSSMYTSLGERVTITCKASQDINSFLTWFLQKPGKSPKTLIYRANRLMIGVPSRFSGSGSGQTYSLTISSLEY
EDMGIYYCLQYDDFPLTFGAGTKLDLKRADAAPTVSIFPPSSEQLTSGGASVVCFLNNFYPKEINVKWKIDGSERQNGVL
DSWTEQDSKDSTYSMSSTLTLTKDEYERHNSYTCEATHKTSTSPIVKSFNRNEC
;
A
2 'polypeptide(L)'
;QDQLQQSGAELVRPGASVKLSCKALGYIFTDYEIHWVKQTPVHGLEWIGGIHPGSSGTAYNQKFKGKATLTADKSSTTAF
MELSSLTSEDSAVYYCTRKDYWGQGTLVTVSAAKTTAPSVYPLVPVCGGTTGSSVTLGCLVKGYFPEPVTLTWNSGSLSS
GVHTFPALLQSGLYTLSSSVTVTSNTWPSQTITCNVAHPASSTKVDKKIEPRV
;
B
3 'polypeptide(L)' DATPEDLNAKL(NH2) C
#
# COMPACT_ATOMS: atom_id res chain seq x y z
N ASP A 1 -25.21 4.03 12.04
CA ASP A 1 -24.33 2.95 12.57
C ASP A 1 -23.37 3.55 13.58
N ILE A 2 -22.70 2.68 14.33
CA ILE A 2 -21.75 3.14 15.33
C ILE A 2 -20.50 3.69 14.65
N LYS A 3 -20.02 4.82 15.14
CA LYS A 3 -18.82 5.41 14.56
C LYS A 3 -17.68 5.29 15.55
N MET A 4 -16.55 4.81 15.06
CA MET A 4 -15.38 4.68 15.91
C MET A 4 -14.45 5.83 15.58
N THR A 5 -14.31 6.75 16.52
CA THR A 5 -13.41 7.86 16.30
C THR A 5 -12.11 7.44 16.99
N GLN A 6 -11.06 7.28 16.19
CA GLN A 6 -9.75 6.82 16.68
C GLN A 6 -8.73 7.93 16.66
N SER A 7 -7.88 7.94 17.68
CA SER A 7 -6.85 8.95 17.78
C SER A 7 -5.65 8.44 18.55
N PRO A 8 -4.46 9.00 18.26
CA PRO A 8 -4.27 10.05 17.24
C PRO A 8 -4.26 9.40 15.88
N SER A 9 -4.43 10.16 14.81
CA SER A 9 -4.43 9.56 13.48
C SER A 9 -2.99 9.21 13.05
N SER A 10 -2.04 9.94 13.60
CA SER A 10 -0.63 9.73 13.28
C SER A 10 0.22 9.86 14.54
N MET A 11 1.30 9.10 14.60
CA MET A 11 2.14 9.14 15.79
C MET A 11 3.59 8.84 15.50
N TYR A 12 4.45 9.78 15.84
CA TYR A 12 5.88 9.61 15.61
C TYR A 12 6.49 9.19 16.94
N THR A 13 6.87 7.91 17.02
CA THR A 13 7.43 7.32 18.23
C THR A 13 8.95 7.11 18.24
N SER A 14 9.42 6.57 19.36
CA SER A 14 10.82 6.25 19.61
C SER A 14 10.85 4.85 20.19
N LEU A 15 11.79 4.02 19.77
CA LEU A 15 11.84 2.68 20.31
C LEU A 15 11.91 2.74 21.84
N GLY A 16 11.20 1.83 22.48
CA GLY A 16 11.16 1.77 23.94
C GLY A 16 10.23 2.76 24.60
N GLU A 17 9.46 3.49 23.81
CA GLU A 17 8.52 4.47 24.34
C GLU A 17 7.17 3.83 24.66
N ARG A 18 6.40 4.48 25.52
CA ARG A 18 5.07 3.99 25.91
C ARG A 18 4.05 4.63 24.95
N VAL A 19 3.28 3.80 24.26
CA VAL A 19 2.29 4.29 23.29
C VAL A 19 0.84 4.08 23.75
N THR A 20 0.01 5.12 23.62
CA THR A 20 -1.41 4.99 23.99
C THR A 20 -2.36 5.41 22.87
N ILE A 21 -2.98 4.43 22.24
CA ILE A 21 -3.92 4.69 21.16
C ILE A 21 -5.33 4.66 21.77
N THR A 22 -6.20 5.56 21.31
CA THR A 22 -7.55 5.65 21.86
C THR A 22 -8.68 5.60 20.85
N CYS A 23 -9.74 4.86 21.18
CA CYS A 23 -10.92 4.76 20.32
C CYS A 23 -12.18 5.11 21.11
N LYS A 24 -12.95 6.03 20.55
CA LYS A 24 -14.20 6.45 21.17
C LYS A 24 -15.37 5.99 20.27
N ALA A 25 -16.35 5.32 20.87
CA ALA A 25 -17.53 4.88 20.12
C ALA A 25 -18.61 5.95 20.21
N SER A 26 -19.44 6.04 19.18
CA SER A 26 -20.52 7.02 19.17
C SER A 26 -21.57 6.64 20.20
N GLN A 27 -21.50 5.40 20.68
CA GLN A 27 -22.40 4.90 21.71
C GLN A 27 -21.75 3.77 22.49
N ASP A 28 -22.38 3.36 23.59
CA ASP A 28 -21.89 2.28 24.43
C ASP A 28 -21.75 1.05 23.54
N ILE A 29 -20.63 0.33 23.63
CA ILE A 29 -20.44 -0.88 22.82
C ILE A 29 -20.07 -2.08 23.68
N ASN A 30 -20.25 -1.91 24.99
CA ASN A 30 -19.99 -2.93 26.00
C ASN A 30 -18.81 -3.86 25.79
N SER A 31 -17.62 -3.27 25.78
CA SER A 31 -16.37 -3.99 25.64
C SER A 31 -16.19 -4.91 24.44
N PHE A 32 -17.14 -4.96 23.52
CA PHE A 32 -16.97 -5.82 22.36
C PHE A 32 -16.20 -5.05 21.28
N LEU A 33 -14.89 -4.96 21.50
CA LEU A 33 -13.98 -4.27 20.61
C LEU A 33 -12.65 -5.04 20.58
N THR A 34 -11.94 -4.95 19.45
CA THR A 34 -10.66 -5.63 19.36
C THR A 34 -9.66 -4.61 18.84
N TRP A 35 -8.39 -4.86 19.13
CA TRP A 35 -7.31 -4.01 18.64
C TRP A 35 -6.45 -4.88 17.72
N PHE A 36 -6.24 -4.43 16.49
CA PHE A 36 -5.38 -5.20 15.60
C PHE A 36 -4.31 -4.35 14.95
N LEU A 37 -3.25 -5.01 14.54
CA LEU A 37 -2.14 -4.35 13.91
C LEU A 37 -2.08 -4.85 12.48
N GLN A 38 -1.65 -3.98 11.57
CA GLN A 38 -1.51 -4.39 10.18
C GLN A 38 -0.29 -3.69 9.59
N LYS A 39 0.60 -4.49 9.01
CA LYS A 39 1.82 -4.00 8.38
C LYS A 39 1.65 -3.91 6.86
N PRO A 40 2.44 -3.05 6.19
CA PRO A 40 2.31 -2.90 4.74
C PRO A 40 2.36 -4.22 3.98
N GLY A 41 1.33 -4.45 3.18
CA GLY A 41 1.25 -5.67 2.39
C GLY A 41 0.88 -6.90 3.17
N LYS A 42 0.81 -6.79 4.48
CA LYS A 42 0.47 -7.93 5.33
C LYS A 42 -1.00 -7.89 5.79
N SER A 43 -1.44 -8.97 6.43
CA SER A 43 -2.81 -9.06 6.92
C SER A 43 -2.93 -8.72 8.41
N PRO A 44 -4.13 -8.31 8.85
CA PRO A 44 -4.35 -7.95 10.25
C PRO A 44 -4.00 -9.03 11.26
N LYS A 45 -3.37 -8.61 12.35
CA LYS A 45 -2.98 -9.48 13.46
C LYS A 45 -3.68 -8.82 14.67
N THR A 46 -4.54 -9.57 15.34
CA THR A 46 -5.26 -9.05 16.50
C THR A 46 -4.37 -9.08 17.73
N LEU A 47 -4.41 -8.00 18.50
CA LEU A 47 -3.59 -7.93 19.69
C LEU A 47 -4.42 -8.27 20.91
N ILE A 48 -5.61 -7.68 20.97
CA ILE A 48 -6.50 -7.95 22.07
C ILE A 48 -7.95 -7.99 21.59
N TYR A 49 -8.75 -8.85 22.22
CA TYR A 49 -10.16 -8.99 21.88
C TYR A 49 -10.97 -8.74 23.14
N ARG A 50 -12.21 -8.29 22.95
CA ARG A 50 -13.10 -7.97 24.06
C ARG A 50 -12.45 -6.96 25.01
N ALA A 51 -12.00 -5.84 24.43
CA ALA A 51 -11.40 -4.74 25.18
C ALA A 51 -10.09 -4.95 25.94
N ASN A 52 -9.96 -6.07 26.66
CA ASN A 52 -8.74 -6.28 27.44
C ASN A 52 -8.15 -7.69 27.50
N ARG A 53 -8.71 -8.64 26.77
CA ARG A 53 -8.17 -9.99 26.79
C ARG A 53 -7.01 -10.05 25.79
N LEU A 54 -5.84 -10.46 26.25
CA LEU A 54 -4.66 -10.53 25.40
C LEU A 54 -4.73 -11.75 24.48
N MET A 55 -4.42 -11.56 23.19
CA MET A 55 -4.46 -12.67 22.24
C MET A 55 -3.34 -13.65 22.52
N ILE A 56 -3.64 -14.94 22.38
CA ILE A 56 -2.63 -15.97 22.64
C ILE A 56 -1.44 -15.79 21.71
N GLY A 57 -0.25 -15.61 22.29
CA GLY A 57 0.93 -15.43 21.48
C GLY A 57 1.37 -13.99 21.37
N VAL A 58 0.50 -13.07 21.72
CA VAL A 58 0.81 -11.64 21.67
C VAL A 58 1.58 -11.25 22.93
N PRO A 59 2.69 -10.54 22.78
CA PRO A 59 3.48 -10.13 23.94
C PRO A 59 2.70 -9.27 24.94
N SER A 60 2.99 -9.52 26.20
CA SER A 60 2.35 -8.84 27.34
C SER A 60 2.52 -7.32 27.36
N ARG A 61 3.47 -6.79 26.58
CA ARG A 61 3.68 -5.34 26.57
C ARG A 61 2.46 -4.63 25.94
N PHE A 62 1.52 -5.43 25.44
CA PHE A 62 0.28 -4.92 24.84
C PHE A 62 -0.87 -5.10 25.86
N SER A 63 -1.68 -4.06 26.04
CA SER A 63 -2.82 -4.15 26.96
C SER A 63 -3.93 -3.21 26.57
N GLY A 64 -5.16 -3.62 26.82
CA GLY A 64 -6.31 -2.79 26.48
C GLY A 64 -7.21 -2.55 27.67
N SER A 65 -7.94 -1.44 27.64
CA SER A 65 -8.86 -1.10 28.72
C SER A 65 -9.97 -0.21 28.20
N GLY A 66 -11.11 -0.20 28.89
CA GLY A 66 -12.25 0.60 28.48
C GLY A 66 -13.51 0.00 29.03
N SER A 67 -14.62 0.74 28.97
CA SER A 67 -15.85 0.21 29.52
C SER A 67 -17.15 0.51 28.76
N GLY A 68 -17.33 1.76 28.37
CA GLY A 68 -18.56 2.11 27.67
C GLY A 68 -18.38 2.62 26.27
N GLN A 69 -17.82 3.81 26.15
CA GLN A 69 -17.59 4.42 24.85
C GLN A 69 -16.10 4.67 24.62
N THR A 70 -15.32 4.64 25.70
CA THR A 70 -13.90 4.93 25.57
C THR A 70 -12.94 3.78 25.88
N TYR A 71 -12.27 3.29 24.85
CA TYR A 71 -11.30 2.20 25.00
C TYR A 71 -9.91 2.64 24.57
N SER A 72 -8.90 2.06 25.20
CA SER A 72 -7.52 2.43 24.92
C SER A 72 -6.57 1.24 24.81
N LEU A 73 -5.71 1.26 23.80
CA LEU A 73 -4.72 0.21 23.64
C LEU A 73 -3.41 0.83 24.12
N THR A 74 -2.73 0.19 25.05
CA THR A 74 -1.48 0.75 25.54
C THR A 74 -0.31 -0.16 25.24
N ILE A 75 0.78 0.40 24.72
CA ILE A 75 1.97 -0.39 24.42
C ILE A 75 3.04 0.05 25.42
N SER A 76 3.37 -0.84 26.34
CA SER A 76 4.35 -0.53 27.40
C SER A 76 5.68 -0.03 26.90
N SER A 77 6.32 -0.77 25.99
CA SER A 77 7.61 -0.36 25.46
C SER A 77 7.75 -0.76 24.00
N LEU A 78 7.62 0.23 23.12
CA LEU A 78 7.69 0.03 21.68
C LEU A 78 8.91 -0.69 21.12
N GLU A 79 8.67 -1.72 20.32
CA GLU A 79 9.78 -2.45 19.71
C GLU A 79 9.69 -2.28 18.20
N TYR A 80 10.78 -2.53 17.48
CA TYR A 80 10.77 -2.33 16.04
C TYR A 80 9.63 -3.10 15.38
N GLU A 81 9.42 -4.33 15.85
CA GLU A 81 8.37 -5.22 15.32
C GLU A 81 6.97 -4.59 15.34
N ASP A 82 6.79 -3.57 16.15
CA ASP A 82 5.48 -2.94 16.29
C ASP A 82 5.05 -1.89 15.27
N MET A 83 5.99 -1.29 14.53
CA MET A 83 5.62 -0.28 13.54
C MET A 83 4.59 -0.86 12.59
N GLY A 84 3.60 -0.04 12.26
CA GLY A 84 2.55 -0.48 11.36
C GLY A 84 1.37 0.43 11.63
N ILE A 85 0.17 -0.02 11.27
CA ILE A 85 -1.01 0.79 11.52
C ILE A 85 -1.94 0.05 12.48
N TYR A 86 -2.26 0.67 13.61
CA TYR A 86 -3.16 0.04 14.59
C TYR A 86 -4.62 0.45 14.36
N TYR A 87 -5.51 -0.53 14.48
CA TYR A 87 -6.92 -0.29 14.25
C TYR A 87 -7.78 -0.89 15.36
N CYS A 88 -8.92 -0.25 15.65
CA CYS A 88 -9.85 -0.80 16.63
C CYS A 88 -11.07 -1.31 15.86
N LEU A 89 -11.72 -2.33 16.38
CA LEU A 89 -12.88 -2.88 15.70
C LEU A 89 -14.01 -3.09 16.68
N GLN A 90 -15.17 -2.50 16.40
CA GLN A 90 -16.30 -2.69 17.29
C GLN A 90 -17.20 -3.77 16.67
N TYR A 91 -17.64 -4.72 17.49
CA TYR A 91 -18.50 -5.77 17.00
C TYR A 91 -19.63 -6.02 17.99
N ASP A 92 -20.15 -4.94 18.53
CA ASP A 92 -21.24 -5.02 19.48
C ASP A 92 -22.55 -5.03 18.73
N ASP A 93 -22.53 -4.43 17.55
CA ASP A 93 -23.73 -4.31 16.74
C ASP A 93 -23.38 -4.11 15.27
N PHE A 94 -24.11 -4.78 14.38
CA PHE A 94 -23.86 -4.65 12.95
C PHE A 94 -24.43 -3.32 12.48
N PRO A 95 -23.83 -2.71 11.45
CA PRO A 95 -22.65 -3.21 10.74
C PRO A 95 -21.39 -3.05 11.54
N LEU A 96 -20.45 -3.98 11.37
CA LEU A 96 -19.18 -3.91 12.08
C LEU A 96 -18.47 -2.65 11.59
N THR A 97 -17.90 -1.89 12.52
CA THR A 97 -17.23 -0.65 12.15
C THR A 97 -15.83 -0.59 12.72
N PHE A 98 -14.91 -0.04 11.92
CA PHE A 98 -13.53 0.11 12.32
C PHE A 98 -13.18 1.57 12.52
N GLY A 99 -12.14 1.81 13.32
CA GLY A 99 -11.68 3.17 13.53
C GLY A 99 -10.80 3.51 12.35
N ALA A 100 -10.54 4.80 12.16
CA ALA A 100 -9.70 5.26 11.04
C ALA A 100 -8.27 4.74 11.13
N GLY A 101 -7.84 4.39 12.34
CA GLY A 101 -6.49 3.86 12.55
C GLY A 101 -5.42 4.87 12.86
N THR A 102 -4.36 4.42 13.51
CA THR A 102 -3.24 5.31 13.81
C THR A 102 -1.99 4.70 13.21
N LYS A 103 -1.22 5.56 12.55
CA LYS A 103 0.01 5.19 11.88
C LYS A 103 1.18 5.47 12.81
N LEU A 104 1.94 4.44 13.16
CA LEU A 104 3.11 4.67 14.01
C LEU A 104 4.38 4.62 13.16
N ASP A 105 5.24 5.63 13.31
CA ASP A 105 6.49 5.67 12.56
C ASP A 105 7.65 6.09 13.45
N LEU A 106 8.84 5.59 13.15
CA LEU A 106 10.03 5.94 13.95
C LEU A 106 10.44 7.40 13.75
N LYS A 107 10.61 8.10 14.86
CA LYS A 107 11.02 9.50 14.82
C LYS A 107 12.51 9.65 14.50
N ARG A 108 12.83 10.77 13.87
CA ARG A 108 14.20 11.14 13.49
C ARG A 108 14.14 12.63 13.14
N ALA A 109 15.30 13.25 13.01
CA ALA A 109 15.35 14.68 12.70
C ALA A 109 14.80 14.98 11.32
N ASP A 110 14.19 16.15 11.15
CA ASP A 110 13.64 16.53 9.85
C ASP A 110 14.74 16.47 8.80
N ALA A 111 14.41 15.91 7.63
CA ALA A 111 15.36 15.80 6.54
C ALA A 111 14.71 16.20 5.20
N ALA A 112 15.33 17.15 4.50
CA ALA A 112 14.81 17.57 3.20
C ALA A 112 15.04 16.45 2.21
N PRO A 113 14.31 16.45 1.10
CA PRO A 113 14.51 15.39 0.11
C PRO A 113 15.66 15.69 -0.84
N THR A 114 16.15 14.66 -1.52
CA THR A 114 17.20 14.85 -2.52
C THR A 114 16.47 14.67 -3.85
N VAL A 115 16.21 15.80 -4.51
CA VAL A 115 15.49 15.82 -5.77
C VAL A 115 16.37 15.69 -7.01
N SER A 116 15.89 14.91 -7.98
CA SER A 116 16.58 14.65 -9.24
C SER A 116 15.55 14.51 -10.36
N ILE A 117 15.66 15.32 -11.42
CA ILE A 117 14.71 15.23 -12.54
C ILE A 117 15.27 14.45 -13.74
N PHE A 118 14.42 13.69 -14.42
CA PHE A 118 14.88 12.89 -15.55
C PHE A 118 14.06 13.05 -16.82
N PRO A 119 14.67 13.62 -17.88
CA PRO A 119 13.99 13.84 -19.17
C PRO A 119 13.70 12.49 -19.79
N PRO A 120 12.79 12.44 -20.76
CA PRO A 120 12.43 11.18 -21.42
C PRO A 120 13.65 10.48 -22.03
N SER A 121 13.61 9.16 -22.08
CA SER A 121 14.70 8.40 -22.69
C SER A 121 14.48 8.45 -24.19
N SER A 122 15.57 8.41 -24.95
CA SER A 122 15.45 8.45 -26.40
C SER A 122 14.72 7.21 -26.89
N GLU A 123 14.76 6.14 -26.11
CA GLU A 123 14.07 4.92 -26.49
C GLU A 123 12.57 5.14 -26.40
N GLN A 124 12.13 5.78 -25.32
CA GLN A 124 10.71 6.04 -25.15
C GLN A 124 10.27 7.05 -26.21
N LEU A 125 11.02 8.15 -26.33
CA LEU A 125 10.67 9.17 -27.30
C LEU A 125 10.52 8.60 -28.71
N THR A 126 11.35 7.63 -29.04
CA THR A 126 11.28 7.00 -30.35
C THR A 126 10.23 5.90 -30.24
N SER A 127 9.13 6.21 -29.55
CA SER A 127 8.01 5.29 -29.35
C SER A 127 6.70 6.07 -29.30
N GLY A 128 6.82 7.38 -29.25
CA GLY A 128 5.65 8.24 -29.22
C GLY A 128 5.41 8.87 -27.87
N GLY A 129 5.80 8.17 -26.80
CA GLY A 129 5.56 8.72 -25.47
C GLY A 129 6.70 9.56 -24.91
N ALA A 130 6.41 10.26 -23.82
CA ALA A 130 7.41 11.08 -23.16
C ALA A 130 7.08 11.25 -21.67
N SER A 131 7.83 10.55 -20.81
CA SER A 131 7.61 10.63 -19.36
C SER A 131 8.72 11.39 -18.63
N VAL A 132 8.36 12.42 -17.88
CA VAL A 132 9.34 13.21 -17.14
C VAL A 132 9.30 12.77 -15.68
N VAL A 133 10.26 11.95 -15.29
CA VAL A 133 10.34 11.42 -13.93
C VAL A 133 11.08 12.38 -12.99
N CYS A 134 10.76 12.32 -11.70
CA CYS A 134 11.41 13.18 -10.72
C CYS A 134 11.38 12.59 -9.31
N PHE A 135 12.50 12.03 -8.86
CA PHE A 135 12.57 11.40 -7.53
C PHE A 135 12.82 12.38 -6.38
N LEU A 136 12.12 12.20 -5.28
CA LEU A 136 12.31 13.00 -4.07
C LEU A 136 12.68 11.94 -3.04
N ASN A 137 13.98 11.72 -2.88
CA ASN A 137 14.48 10.70 -1.98
C ASN A 137 14.97 11.10 -0.59
N ASN A 138 14.76 10.16 0.34
CA ASN A 138 15.18 10.24 1.74
C ASN A 138 14.84 11.47 2.57
N PHE A 139 13.56 11.69 2.81
CA PHE A 139 13.14 12.84 3.63
C PHE A 139 12.31 12.39 4.83
N TYR A 140 12.08 13.34 5.73
CA TYR A 140 11.28 13.10 6.92
C TYR A 140 10.77 14.44 7.41
N PRO A 141 9.47 14.53 7.78
CA PRO A 141 8.43 13.50 7.80
C PRO A 141 7.94 13.10 6.41
N LYS A 142 7.07 12.08 6.38
CA LYS A 142 6.49 11.55 5.14
C LYS A 142 5.67 12.58 4.37
N GLU A 143 5.39 13.73 4.99
CA GLU A 143 4.59 14.76 4.33
C GLU A 143 5.33 15.63 3.33
N ILE A 144 4.98 15.50 2.06
CA ILE A 144 5.62 16.27 1.00
C ILE A 144 4.69 16.55 -0.18
N ASN A 145 4.89 17.69 -0.83
CA ASN A 145 4.10 18.09 -1.98
C ASN A 145 4.92 18.27 -3.26
N VAL A 146 4.46 17.68 -4.36
CA VAL A 146 5.15 17.77 -5.64
C VAL A 146 4.29 18.54 -6.67
N LYS A 147 4.91 19.48 -7.36
CA LYS A 147 4.22 20.26 -8.39
C LYS A 147 5.05 20.37 -9.66
N TRP A 148 4.39 20.23 -10.80
CA TRP A 148 5.08 20.34 -12.08
C TRP A 148 4.70 21.63 -12.78
N LYS A 149 5.60 22.12 -13.62
CA LYS A 149 5.40 23.35 -14.38
C LYS A 149 6.09 23.25 -15.72
N ILE A 150 5.30 23.23 -16.80
CA ILE A 150 5.87 23.22 -18.15
C ILE A 150 5.96 24.69 -18.53
N ASP A 151 7.00 25.06 -19.28
CA ASP A 151 7.23 26.44 -19.71
C ASP A 151 6.66 27.51 -18.74
N GLY A 152 6.85 27.30 -17.44
CA GLY A 152 6.41 28.28 -16.47
C GLY A 152 5.05 28.10 -15.80
N SER A 153 4.13 27.39 -16.45
CA SER A 153 2.81 27.20 -15.85
C SER A 153 2.61 25.77 -15.39
N GLU A 154 1.76 25.60 -14.39
CA GLU A 154 1.48 24.30 -13.82
C GLU A 154 0.79 23.27 -14.70
N ARG A 155 1.14 22.00 -14.47
CA ARG A 155 0.57 20.87 -15.17
C ARG A 155 -0.15 20.08 -14.08
N GLN A 156 -1.38 19.65 -14.37
CA GLN A 156 -2.15 18.90 -13.38
C GLN A 156 -2.22 17.41 -13.68
N ASN A 157 -2.69 17.06 -14.86
CA ASN A 157 -2.80 15.66 -15.20
C ASN A 157 -1.56 15.16 -15.93
N GLY A 158 -1.36 13.85 -15.88
CA GLY A 158 -0.20 13.23 -16.51
C GLY A 158 0.71 12.80 -15.37
N VAL A 159 0.42 13.31 -14.19
CA VAL A 159 1.20 13.02 -12.98
C VAL A 159 0.71 11.80 -12.21
N LEU A 160 1.66 10.99 -11.75
CA LEU A 160 1.38 9.78 -10.97
C LEU A 160 2.47 9.61 -9.92
N ASP A 161 2.09 9.66 -8.65
CA ASP A 161 3.04 9.53 -7.54
C ASP A 161 2.93 8.21 -6.79
N SER A 162 4.06 7.80 -6.22
CA SER A 162 4.16 6.55 -5.50
C SER A 162 5.13 6.70 -4.32
N TRP A 163 4.63 6.50 -3.10
CA TRP A 163 5.46 6.62 -1.89
C TRP A 163 5.97 5.27 -1.44
N THR A 164 7.19 5.24 -0.90
CA THR A 164 7.75 4.01 -0.36
C THR A 164 7.38 4.06 1.12
N GLU A 165 7.75 3.04 1.86
CA GLU A 165 7.47 3.04 3.29
C GLU A 165 8.71 3.51 4.02
N GLN A 166 8.53 3.99 5.26
CA GLN A 166 9.67 4.45 6.05
C GLN A 166 10.77 3.41 5.94
N ASP A 167 11.98 3.86 5.67
CA ASP A 167 13.15 2.99 5.54
C ASP A 167 13.50 2.44 6.92
N SER A 168 13.94 1.20 6.98
CA SER A 168 14.28 0.56 8.24
C SER A 168 15.59 1.03 8.85
N LYS A 169 16.47 1.58 8.03
CA LYS A 169 17.77 2.02 8.52
C LYS A 169 17.88 3.50 8.86
N ASP A 170 17.37 4.37 8.00
CA ASP A 170 17.48 5.80 8.28
C ASP A 170 16.17 6.49 8.67
N SER A 171 15.06 5.77 8.57
CA SER A 171 13.76 6.30 8.95
C SER A 171 13.23 7.42 8.09
N THR A 172 13.58 7.42 6.81
CA THR A 172 13.11 8.48 5.92
C THR A 172 12.12 7.86 4.95
N TYR A 173 11.53 8.69 4.10
CA TYR A 173 10.60 8.19 3.10
C TYR A 173 11.11 8.68 1.75
N SER A 174 10.63 8.05 0.68
CA SER A 174 11.02 8.45 -0.66
C SER A 174 9.78 8.39 -1.54
N MET A 175 9.72 9.25 -2.56
CA MET A 175 8.58 9.24 -3.46
C MET A 175 8.99 9.51 -4.91
N SER A 176 8.20 8.97 -5.83
CA SER A 176 8.46 9.10 -7.26
C SER A 176 7.30 9.76 -7.99
N SER A 177 7.59 10.85 -8.71
CA SER A 177 6.56 11.53 -9.49
C SER A 177 6.83 11.38 -10.99
N THR A 178 5.86 10.83 -11.71
CA THR A 178 6.00 10.61 -13.14
C THR A 178 4.95 11.40 -13.95
N LEU A 179 5.38 12.51 -14.56
CA LEU A 179 4.50 13.34 -15.40
C LEU A 179 4.57 12.80 -16.82
N THR A 180 3.52 12.12 -17.27
CA THR A 180 3.49 11.55 -18.61
C THR A 180 2.74 12.37 -19.64
N LEU A 181 3.32 12.49 -20.82
CA LEU A 181 2.73 13.24 -21.91
C LEU A 181 3.01 12.48 -23.19
N THR A 182 2.77 13.15 -24.31
CA THR A 182 3.01 12.55 -25.62
C THR A 182 4.28 13.19 -26.17
N LYS A 183 5.01 12.44 -26.99
CA LYS A 183 6.23 12.95 -27.61
C LYS A 183 5.87 14.28 -28.27
N ASP A 184 4.78 14.26 -29.04
CA ASP A 184 4.31 15.44 -29.76
C ASP A 184 3.89 16.59 -28.87
N GLU A 185 3.66 16.34 -27.58
CA GLU A 185 3.29 17.41 -26.69
C GLU A 185 4.53 17.86 -25.92
N TYR A 186 5.45 16.92 -25.74
CA TYR A 186 6.68 17.19 -25.03
C TYR A 186 7.53 18.15 -25.84
N GLU A 187 7.48 17.99 -27.17
CA GLU A 187 8.26 18.82 -28.06
C GLU A 187 7.63 20.16 -28.40
N ARG A 188 6.51 20.47 -27.76
CA ARG A 188 5.83 21.74 -27.98
C ARG A 188 6.19 22.67 -26.82
N HIS A 189 7.13 22.23 -25.99
CA HIS A 189 7.54 23.02 -24.84
C HIS A 189 9.04 22.89 -24.54
N ASN A 190 9.57 23.81 -23.76
CA ASN A 190 11.00 23.77 -23.47
C ASN A 190 11.40 23.47 -22.03
N SER A 191 11.03 24.35 -21.09
CA SER A 191 11.43 24.17 -19.71
C SER A 191 10.47 23.42 -18.79
N TYR A 192 10.84 22.18 -18.46
CA TYR A 192 10.07 21.35 -17.57
C TYR A 192 10.68 21.45 -16.18
N THR A 193 9.87 21.84 -15.20
CA THR A 193 10.34 21.98 -13.83
C THR A 193 9.69 21.01 -12.85
N CYS A 194 10.43 20.67 -11.81
CA CYS A 194 9.96 19.76 -10.78
C CYS A 194 10.13 20.44 -9.44
N GLU A 195 9.01 20.74 -8.77
CA GLU A 195 9.05 21.42 -7.47
C GLU A 195 8.58 20.60 -6.28
N ALA A 196 9.39 20.54 -5.24
CA ALA A 196 9.03 19.79 -4.04
C ALA A 196 8.92 20.72 -2.84
N THR A 197 7.79 20.63 -2.14
CA THR A 197 7.58 21.45 -0.96
C THR A 197 7.52 20.49 0.22
N HIS A 198 8.22 20.82 1.29
CA HIS A 198 8.27 19.95 2.46
C HIS A 198 8.52 20.76 3.73
N LYS A 199 8.01 20.26 4.85
CA LYS A 199 8.14 20.95 6.14
C LYS A 199 9.52 21.52 6.43
N THR A 200 10.56 20.89 5.89
CA THR A 200 11.92 21.31 6.12
C THR A 200 12.30 22.66 5.52
N SER A 201 11.35 23.34 4.89
CA SER A 201 11.63 24.64 4.27
C SER A 201 10.43 25.35 3.68
N THR A 202 10.46 26.68 3.73
CA THR A 202 9.40 27.50 3.18
C THR A 202 9.45 27.43 1.65
N SER A 203 10.57 27.85 1.07
CA SER A 203 10.75 27.83 -0.37
C SER A 203 10.95 26.38 -0.85
N PRO A 204 10.33 26.02 -1.98
CA PRO A 204 10.48 24.65 -2.49
C PRO A 204 11.85 24.36 -3.08
N ILE A 205 12.17 23.09 -3.18
CA ILE A 205 13.42 22.67 -3.79
C ILE A 205 13.01 22.52 -5.24
N VAL A 206 13.60 23.34 -6.11
CA VAL A 206 13.27 23.33 -7.53
C VAL A 206 14.35 22.66 -8.38
N LYS A 207 13.93 21.76 -9.25
CA LYS A 207 14.86 21.03 -10.11
C LYS A 207 14.27 21.01 -11.51
N SER A 208 15.05 21.37 -12.53
CA SER A 208 14.51 21.35 -13.88
C SER A 208 15.53 21.29 -14.99
N PHE A 209 15.03 21.34 -16.22
CA PHE A 209 15.87 21.32 -17.40
C PHE A 209 15.12 21.97 -18.56
N ASN A 210 15.78 22.03 -19.72
CA ASN A 210 15.17 22.59 -20.92
C ASN A 210 15.46 21.62 -22.04
N ARG A 211 14.53 21.48 -22.98
CA ARG A 211 14.74 20.59 -24.11
C ARG A 211 15.86 21.15 -24.99
N ASN A 212 15.81 22.45 -25.24
CA ASN A 212 16.81 23.10 -26.07
C ASN A 212 18.22 22.84 -25.56
N GLU A 213 18.34 22.35 -24.33
CA GLU A 213 19.62 22.04 -23.71
C GLU A 213 20.06 20.60 -23.94
N CYS A 214 19.09 19.69 -24.01
CA CYS A 214 19.35 18.28 -24.22
C CYS A 214 18.13 17.41 -23.85
N GLN B 1 -5.00 -25.30 16.85
CA GLN B 1 -4.42 -24.05 16.25
C GLN B 1 -5.39 -22.87 16.30
N ASP B 2 -5.35 -22.06 15.25
CA ASP B 2 -6.17 -20.87 15.09
C ASP B 2 -5.96 -20.39 13.65
N GLN B 3 -6.65 -20.97 12.68
CA GLN B 3 -6.38 -20.58 11.31
C GLN B 3 -7.54 -20.40 10.35
N LEU B 4 -7.30 -19.54 9.37
CA LEU B 4 -8.22 -19.24 8.31
C LEU B 4 -7.33 -19.07 7.09
N GLN B 5 -7.56 -19.88 6.07
CA GLN B 5 -6.77 -19.80 4.85
C GLN B 5 -7.73 -19.50 3.72
N GLN B 6 -7.39 -18.48 2.94
CA GLN B 6 -8.24 -18.07 1.84
C GLN B 6 -7.73 -18.53 0.51
N SER B 7 -8.63 -18.58 -0.45
CA SER B 7 -8.30 -18.97 -1.81
C SER B 7 -7.35 -17.96 -2.46
N GLY B 8 -6.70 -18.40 -3.55
CA GLY B 8 -5.74 -17.57 -4.24
C GLY B 8 -6.25 -16.32 -4.94
N ALA B 9 -5.31 -15.49 -5.41
CA ALA B 9 -5.64 -14.24 -6.10
C ALA B 9 -6.57 -14.50 -7.28
N GLU B 10 -7.47 -13.54 -7.54
CA GLU B 10 -8.43 -13.66 -8.63
C GLU B 10 -8.36 -12.49 -9.60
N LEU B 11 -8.27 -12.83 -10.89
CA LEU B 11 -8.25 -11.85 -11.96
C LEU B 11 -9.53 -12.12 -12.73
N VAL B 12 -10.48 -11.20 -12.66
CA VAL B 12 -11.74 -11.40 -13.34
C VAL B 12 -12.23 -10.19 -14.15
N ARG B 13 -12.86 -10.48 -15.28
CA ARG B 13 -13.37 -9.45 -16.17
C ARG B 13 -14.62 -8.75 -15.67
N PRO B 14 -14.77 -7.46 -15.96
CA PRO B 14 -15.96 -6.76 -15.49
C PRO B 14 -17.24 -7.41 -16.00
N GLY B 15 -18.24 -7.45 -15.12
CA GLY B 15 -19.53 -8.04 -15.45
C GLY B 15 -19.59 -9.47 -14.92
N ALA B 16 -18.43 -10.05 -14.69
CA ALA B 16 -18.36 -11.42 -14.20
C ALA B 16 -18.53 -11.49 -12.69
N SER B 17 -18.38 -12.71 -12.17
CA SER B 17 -18.50 -12.99 -10.76
C SER B 17 -17.30 -13.80 -10.27
N VAL B 18 -17.21 -13.95 -8.97
CA VAL B 18 -16.14 -14.71 -8.34
C VAL B 18 -16.69 -15.23 -7.03
N LYS B 19 -16.14 -16.35 -6.57
CA LYS B 19 -16.56 -16.91 -5.30
C LYS B 19 -15.27 -17.18 -4.53
N LEU B 20 -15.11 -16.52 -3.39
CA LEU B 20 -13.89 -16.68 -2.60
C LEU B 20 -14.15 -17.67 -1.47
N SER B 21 -13.11 -18.38 -1.05
CA SER B 21 -13.27 -19.35 0.03
C SER B 21 -12.38 -19.07 1.23
N CYS B 22 -12.84 -19.52 2.41
CA CYS B 22 -12.15 -19.33 3.68
C CYS B 22 -12.24 -20.63 4.49
N LYS B 23 -11.15 -21.40 4.50
CA LYS B 23 -11.08 -22.67 5.23
C LYS B 23 -10.75 -22.40 6.69
N ALA B 24 -11.54 -22.95 7.60
CA ALA B 24 -11.29 -22.77 9.03
C ALA B 24 -10.57 -23.99 9.63
N LEU B 25 -9.56 -23.74 10.47
CA LEU B 25 -8.80 -24.79 11.13
C LEU B 25 -8.53 -24.45 12.60
N GLY B 26 -8.30 -25.48 13.40
CA GLY B 26 -8.00 -25.31 14.81
C GLY B 26 -9.12 -24.95 15.77
N TYR B 27 -10.36 -24.98 15.31
CA TYR B 27 -11.47 -24.63 16.20
C TYR B 27 -12.77 -25.18 15.65
N ILE B 28 -13.78 -25.25 16.50
CA ILE B 28 -15.08 -25.77 16.11
C ILE B 28 -15.83 -24.83 15.17
N PHE B 29 -15.67 -25.09 13.87
CA PHE B 29 -16.28 -24.31 12.80
C PHE B 29 -17.69 -23.78 13.04
N THR B 30 -18.53 -24.56 13.73
CA THR B 30 -19.90 -24.13 13.96
C THR B 30 -20.19 -23.45 15.29
N ASP B 31 -19.18 -22.85 15.90
CA ASP B 31 -19.40 -22.15 17.16
C ASP B 31 -19.25 -20.63 16.99
N TYR B 32 -18.52 -20.20 15.96
CA TYR B 32 -18.28 -18.78 15.72
C TYR B 32 -18.81 -18.33 14.37
N GLU B 33 -18.92 -17.03 14.21
CA GLU B 33 -19.37 -16.48 12.94
C GLU B 33 -18.10 -16.24 12.13
N ILE B 34 -18.29 -16.06 10.83
CA ILE B 34 -17.19 -15.76 9.94
C ILE B 34 -17.66 -14.52 9.18
N HIS B 35 -16.87 -13.47 9.24
CA HIS B 35 -17.22 -12.23 8.56
C HIS B 35 -16.23 -11.92 7.46
N TRP B 36 -16.67 -11.09 6.51
CA TRP B 36 -15.84 -10.71 5.39
C TRP B 36 -15.64 -9.19 5.39
N VAL B 37 -14.40 -8.78 5.22
CA VAL B 37 -14.05 -7.38 5.22
C VAL B 37 -13.31 -7.01 3.93
N LYS B 38 -13.70 -5.89 3.33
CA LYS B 38 -13.07 -5.39 2.14
C LYS B 38 -12.06 -4.33 2.57
N GLN B 39 -11.01 -4.14 1.76
CA GLN B 39 -9.99 -3.15 2.05
C GLN B 39 -9.39 -2.64 0.76
N THR B 40 -9.45 -1.33 0.55
CA THR B 40 -8.91 -0.70 -0.65
C THR B 40 -8.13 0.53 -0.21
N PRO B 41 -7.12 0.94 -0.98
CA PRO B 41 -6.32 2.12 -0.61
C PRO B 41 -7.24 3.32 -0.38
N VAL B 42 -8.03 3.65 -1.39
CA VAL B 42 -8.95 4.77 -1.31
C VAL B 42 -10.02 4.68 -0.23
N HIS B 43 -10.72 3.56 -0.11
CA HIS B 43 -11.80 3.45 0.88
C HIS B 43 -11.54 2.80 2.24
N GLY B 44 -10.37 2.22 2.44
CA GLY B 44 -10.11 1.60 3.75
C GLY B 44 -10.87 0.32 4.06
N LEU B 45 -11.05 0.06 5.35
CA LEU B 45 -11.75 -1.13 5.81
C LEU B 45 -13.28 -1.05 5.70
N GLU B 46 -13.90 -2.09 5.16
CA GLU B 46 -15.36 -2.12 5.05
C GLU B 46 -15.91 -3.51 5.38
N TRP B 47 -16.75 -3.59 6.40
CA TRP B 47 -17.38 -4.85 6.77
C TRP B 47 -18.45 -5.19 5.72
N ILE B 48 -18.40 -6.41 5.17
CA ILE B 48 -19.37 -6.78 4.14
C ILE B 48 -20.57 -7.54 4.72
N GLY B 49 -20.30 -8.51 5.57
CA GLY B 49 -21.35 -9.30 6.19
C GLY B 49 -20.79 -10.47 6.99
N GLY B 50 -21.67 -11.12 7.75
CA GLY B 50 -21.26 -12.25 8.56
C GLY B 50 -22.14 -13.47 8.34
N ILE B 51 -21.67 -14.62 8.81
CA ILE B 51 -22.39 -15.87 8.66
C ILE B 51 -22.07 -16.79 9.84
N HIS B 52 -23.09 -17.43 10.40
CA HIS B 52 -22.88 -18.35 11.51
C HIS B 52 -23.01 -19.74 10.90
N PRO B 53 -21.89 -20.47 10.74
CA PRO B 53 -21.96 -21.81 10.16
C PRO B 53 -22.88 -22.77 10.91
N GLY B 54 -23.10 -22.50 12.20
CA GLY B 54 -23.98 -23.32 12.99
C GLY B 54 -25.45 -23.18 12.59
N SER B 55 -25.97 -21.96 12.64
CA SER B 55 -27.36 -21.69 12.29
C SER B 55 -27.62 -21.26 10.86
N SER B 56 -26.56 -20.99 10.09
CA SER B 56 -26.69 -20.55 8.71
C SER B 56 -27.15 -19.11 8.67
N GLY B 57 -27.12 -18.45 9.82
CA GLY B 57 -27.54 -17.07 9.89
C GLY B 57 -26.56 -16.12 9.24
N THR B 58 -27.09 -15.06 8.63
CA THR B 58 -26.26 -14.07 7.96
C THR B 58 -26.72 -12.65 8.24
N ALA B 59 -25.81 -11.71 8.08
CA ALA B 59 -26.07 -10.29 8.28
C ALA B 59 -25.21 -9.58 7.25
N TYR B 60 -25.79 -8.67 6.47
CA TYR B 60 -25.01 -7.96 5.47
C TYR B 60 -24.97 -6.46 5.66
N ASN B 61 -24.01 -5.81 5.02
CA ASN B 61 -23.90 -4.36 5.05
C ASN B 61 -24.88 -3.95 3.97
N GLN B 62 -25.73 -2.96 4.27
CA GLN B 62 -26.70 -2.52 3.29
C GLN B 62 -26.06 -2.29 1.93
N LYS B 63 -24.79 -1.87 1.93
CA LYS B 63 -24.04 -1.62 0.70
C LYS B 63 -23.78 -2.86 -0.16
N PHE B 64 -23.78 -4.04 0.46
CA PHE B 64 -23.50 -5.25 -0.29
C PHE B 64 -24.68 -6.19 -0.44
N LYS B 65 -25.84 -5.79 0.08
CA LYS B 65 -27.06 -6.59 -0.02
C LYS B 65 -27.39 -6.70 -1.51
N GLY B 66 -27.37 -7.91 -2.04
CA GLY B 66 -27.68 -8.07 -3.45
C GLY B 66 -26.47 -7.96 -4.33
N LYS B 67 -25.29 -7.96 -3.71
CA LYS B 67 -24.02 -7.88 -4.45
C LYS B 67 -23.14 -9.02 -3.94
N ALA B 68 -23.16 -9.20 -2.62
CA ALA B 68 -22.38 -10.26 -1.98
C ALA B 68 -23.31 -11.31 -1.42
N THR B 69 -22.86 -12.56 -1.43
CA THR B 69 -23.66 -13.67 -0.92
C THR B 69 -22.78 -14.55 -0.06
N LEU B 70 -23.15 -14.72 1.22
CA LEU B 70 -22.35 -15.55 2.11
C LEU B 70 -22.96 -16.91 2.35
N THR B 71 -22.11 -17.92 2.29
CA THR B 71 -22.53 -19.28 2.53
C THR B 71 -21.39 -20.02 3.24
N ALA B 72 -21.74 -21.04 4.01
CA ALA B 72 -20.76 -21.83 4.72
C ALA B 72 -21.07 -23.30 4.44
N ASP B 73 -20.09 -24.17 4.66
CA ASP B 73 -20.27 -25.59 4.41
C ASP B 73 -19.65 -26.40 5.55
N LYS B 74 -20.50 -26.91 6.44
CA LYS B 74 -20.09 -27.71 7.59
C LYS B 74 -19.06 -28.81 7.33
N SER B 75 -19.22 -29.54 6.22
CA SER B 75 -18.31 -30.64 5.89
C SER B 75 -16.87 -30.29 5.60
N SER B 76 -16.63 -29.15 4.98
CA SER B 76 -15.25 -28.77 4.68
C SER B 76 -14.85 -27.59 5.55
N THR B 77 -15.70 -27.25 6.52
CA THR B 77 -15.46 -26.14 7.44
C THR B 77 -14.90 -24.95 6.67
N THR B 78 -15.61 -24.58 5.61
CA THR B 78 -15.21 -23.49 4.73
C THR B 78 -16.29 -22.44 4.53
N ALA B 79 -15.93 -21.18 4.71
CA ALA B 79 -16.87 -20.07 4.51
C ALA B 79 -16.66 -19.59 3.09
N PHE B 80 -17.74 -19.21 2.42
CA PHE B 80 -17.67 -18.72 1.04
C PHE B 80 -18.31 -17.38 0.88
N MET B 81 -17.79 -16.57 -0.06
CA MET B 81 -18.37 -15.27 -0.35
C MET B 81 -18.30 -15.05 -1.84
N GLU B 82 -19.47 -14.85 -2.44
CA GLU B 82 -19.55 -14.61 -3.88
C GLU B 82 -19.96 -13.18 -4.20
N LEU B 83 -19.23 -12.56 -5.13
CA LEU B 83 -19.51 -11.19 -5.56
C LEU B 83 -19.96 -11.27 -7.02
N SER B 84 -21.01 -10.56 -7.41
CA SER B 84 -21.46 -10.60 -8.81
C SER B 84 -21.36 -9.21 -9.46
N SER B 85 -21.54 -9.16 -10.77
CA SER B 85 -21.45 -7.89 -11.53
C SER B 85 -20.23 -7.09 -11.06
N LEU B 86 -19.05 -7.67 -11.19
CA LEU B 86 -17.83 -7.01 -10.74
C LEU B 86 -17.50 -5.82 -11.61
N THR B 87 -16.97 -4.77 -10.98
CA THR B 87 -16.64 -3.57 -11.72
C THR B 87 -15.62 -2.67 -11.07
N SER B 88 -14.34 -2.98 -11.27
CA SER B 88 -13.17 -2.24 -10.73
C SER B 88 -13.29 -1.67 -9.32
N GLU B 89 -14.47 -1.16 -8.93
CA GLU B 89 -14.69 -0.64 -7.59
C GLU B 89 -14.67 -1.88 -6.67
N ASP B 90 -14.74 -3.06 -7.26
CA ASP B 90 -14.70 -4.28 -6.49
C ASP B 90 -13.29 -4.85 -6.39
N SER B 91 -12.37 -4.26 -7.17
CA SER B 91 -10.96 -4.67 -7.14
C SER B 91 -10.49 -4.30 -5.75
N ALA B 92 -10.09 -5.29 -4.97
CA ALA B 92 -9.64 -5.01 -3.62
C ALA B 92 -9.09 -6.27 -2.99
N VAL B 93 -8.62 -6.14 -1.76
CA VAL B 93 -8.13 -7.30 -1.05
C VAL B 93 -9.33 -7.66 -0.17
N TYR B 94 -9.69 -8.93 -0.10
CA TYR B 94 -10.83 -9.33 0.73
C TYR B 94 -10.41 -10.25 1.87
N TYR B 95 -10.84 -9.94 3.09
CA TYR B 95 -10.47 -10.77 4.23
C TYR B 95 -11.62 -11.48 4.89
N CYS B 96 -11.35 -12.65 5.44
CA CYS B 96 -12.36 -13.34 6.21
C CYS B 96 -11.79 -13.28 7.61
N THR B 97 -12.64 -13.17 8.61
CA THR B 97 -12.13 -13.07 9.95
C THR B 97 -13.09 -13.66 10.95
N ARG B 98 -12.56 -14.08 12.09
CA ARG B 98 -13.36 -14.65 13.15
C ARG B 98 -13.51 -13.56 14.22
N LYS B 99 -13.22 -12.33 13.82
CA LYS B 99 -13.23 -11.14 14.68
C LYS B 99 -11.91 -11.08 15.44
N ASP B 100 -11.33 -12.24 15.73
CA ASP B 100 -10.05 -12.28 16.41
C ASP B 100 -8.99 -12.81 15.45
N TYR B 101 -9.30 -13.88 14.71
CA TYR B 101 -8.33 -14.41 13.74
C TYR B 101 -8.66 -13.80 12.39
N TRP B 102 -7.64 -13.51 11.57
CA TRP B 102 -7.86 -12.97 10.25
C TRP B 102 -7.23 -13.91 9.23
N GLY B 103 -7.79 -13.95 8.04
CA GLY B 103 -7.22 -14.76 6.99
C GLY B 103 -6.07 -13.95 6.41
N GLN B 104 -5.38 -14.47 5.40
CA GLN B 104 -4.25 -13.75 4.82
C GLN B 104 -4.77 -12.86 3.70
N GLY B 105 -6.06 -13.00 3.42
CA GLY B 105 -6.69 -12.20 2.39
C GLY B 105 -6.53 -12.70 0.97
N THR B 106 -7.55 -12.39 0.17
CA THR B 106 -7.60 -12.74 -1.24
C THR B 106 -7.62 -11.45 -2.06
N LEU B 107 -6.69 -11.33 -2.99
CA LEU B 107 -6.59 -10.15 -3.84
C LEU B 107 -7.39 -10.41 -5.10
N VAL B 108 -8.33 -9.51 -5.39
CA VAL B 108 -9.17 -9.62 -6.58
C VAL B 108 -8.92 -8.39 -7.44
N THR B 109 -8.64 -8.60 -8.72
CA THR B 109 -8.38 -7.48 -9.62
C THR B 109 -9.41 -7.60 -10.74
N VAL B 110 -10.15 -6.52 -10.98
CA VAL B 110 -11.16 -6.53 -12.03
C VAL B 110 -10.62 -5.65 -13.16
N SER B 111 -10.22 -6.29 -14.26
CA SER B 111 -9.67 -5.59 -15.40
C SER B 111 -9.95 -6.33 -16.71
N ALA B 112 -9.96 -5.57 -17.80
CA ALA B 112 -10.16 -6.14 -19.12
C ALA B 112 -8.77 -6.33 -19.71
N ALA B 113 -7.79 -5.68 -19.09
CA ALA B 113 -6.41 -5.72 -19.52
C ALA B 113 -5.89 -7.12 -19.83
N LYS B 114 -5.28 -7.25 -20.99
CA LYS B 114 -4.71 -8.54 -21.40
C LYS B 114 -3.23 -8.53 -21.04
N THR B 115 -2.64 -9.72 -20.94
CA THR B 115 -1.22 -9.80 -20.59
C THR B 115 -0.39 -8.92 -21.52
N THR B 116 0.45 -8.07 -20.93
CA THR B 116 1.28 -7.18 -21.71
C THR B 116 2.66 -6.96 -21.10
N ALA B 117 3.71 -7.26 -21.88
CA ALA B 117 5.09 -7.11 -21.43
C ALA B 117 5.43 -5.66 -21.18
N PRO B 118 6.32 -5.39 -20.21
CA PRO B 118 6.74 -4.04 -19.84
C PRO B 118 7.79 -3.43 -20.75
N SER B 119 7.62 -2.16 -21.10
CA SER B 119 8.61 -1.49 -21.92
C SER B 119 9.54 -0.80 -20.91
N VAL B 120 10.82 -1.16 -20.95
CA VAL B 120 11.81 -0.64 -20.02
C VAL B 120 12.61 0.52 -20.58
N TYR B 121 12.72 1.60 -19.81
CA TYR B 121 13.45 2.78 -20.23
C TYR B 121 14.55 3.16 -19.23
N PRO B 122 15.71 3.61 -19.73
CA PRO B 122 16.83 3.98 -18.87
C PRO B 122 16.85 5.47 -18.54
N LEU B 123 16.71 5.79 -17.27
CA LEU B 123 16.74 7.18 -16.84
C LEU B 123 18.18 7.57 -16.57
N VAL B 124 18.60 8.72 -17.07
CA VAL B 124 19.98 9.17 -16.90
C VAL B 124 19.96 10.61 -16.45
N PRO B 125 20.89 11.00 -15.58
CA PRO B 125 20.93 12.39 -15.12
C PRO B 125 20.81 13.44 -16.22
N VAL B 126 20.13 14.53 -15.91
CA VAL B 126 19.96 15.60 -16.88
C VAL B 126 21.34 16.12 -17.22
N CYS B 127 21.64 16.20 -18.51
CA CYS B 127 22.95 16.67 -19.00
C CYS B 127 23.55 17.72 -18.06
N GLY B 128 24.72 17.38 -17.54
CA GLY B 128 25.39 18.25 -16.59
C GLY B 128 25.02 17.74 -15.21
N GLY B 129 24.01 18.38 -14.62
CA GLY B 129 23.49 18.04 -13.29
C GLY B 129 24.05 16.89 -12.46
N THR B 130 25.36 16.85 -12.29
CA THR B 130 25.99 15.81 -11.47
C THR B 130 26.73 16.52 -10.36
N THR B 131 26.54 17.84 -10.30
CA THR B 131 27.17 18.68 -9.28
C THR B 131 27.02 18.04 -7.91
N GLY B 132 28.01 17.26 -7.49
CA GLY B 132 27.92 16.63 -6.19
C GLY B 132 28.68 15.33 -6.06
N SER B 133 28.82 14.89 -4.81
CA SER B 133 29.53 13.67 -4.49
C SER B 133 28.84 12.41 -5.01
N SER B 134 27.54 12.52 -5.27
CA SER B 134 26.78 11.37 -5.73
C SER B 134 25.96 11.65 -6.99
N VAL B 135 25.49 10.59 -7.62
CA VAL B 135 24.68 10.71 -8.82
C VAL B 135 23.55 9.68 -8.74
N THR B 136 22.33 10.13 -9.03
CA THR B 136 21.17 9.24 -9.01
C THR B 136 20.77 8.83 -10.43
N LEU B 137 20.69 7.53 -10.66
CA LEU B 137 20.29 7.00 -11.97
C LEU B 137 18.86 6.45 -11.80
N GLY B 138 18.16 6.21 -12.90
CA GLY B 138 16.81 5.71 -12.78
C GLY B 138 16.38 4.65 -13.78
N CYS B 139 15.25 4.01 -13.49
CA CYS B 139 14.70 2.97 -14.35
C CYS B 139 13.16 3.07 -14.32
N LEU B 140 12.53 2.99 -15.49
CA LEU B 140 11.07 3.08 -15.61
C LEU B 140 10.50 1.85 -16.30
N VAL B 141 9.60 1.13 -15.62
CA VAL B 141 8.97 -0.08 -16.16
C VAL B 141 7.51 0.24 -16.47
N LYS B 142 7.26 0.72 -17.69
CA LYS B 142 5.94 1.16 -18.13
C LYS B 142 5.12 0.27 -19.05
N GLY B 143 3.81 0.28 -18.82
CA GLY B 143 2.87 -0.48 -19.64
C GLY B 143 2.81 -1.99 -19.56
N TYR B 144 2.78 -2.56 -18.37
CA TYR B 144 2.70 -4.02 -18.27
C TYR B 144 1.45 -4.47 -17.53
N PHE B 145 1.21 -5.78 -17.60
CA PHE B 145 0.06 -6.40 -16.96
C PHE B 145 0.17 -7.91 -17.16
N PRO B 146 -0.06 -8.67 -16.09
CA PRO B 146 -0.40 -8.17 -14.76
C PRO B 146 0.86 -8.11 -13.90
N GLU B 147 0.67 -7.84 -12.61
CA GLU B 147 1.79 -7.81 -11.71
C GLU B 147 2.16 -9.28 -11.56
N PRO B 148 3.33 -9.57 -10.98
CA PRO B 148 4.28 -8.58 -10.48
C PRO B 148 5.35 -8.36 -11.54
N VAL B 149 6.51 -7.90 -11.10
CA VAL B 149 7.61 -7.67 -12.00
C VAL B 149 8.80 -7.28 -11.13
N THR B 150 9.66 -8.25 -10.81
CA THR B 150 10.82 -7.97 -9.98
C THR B 150 11.82 -7.20 -10.80
N LEU B 151 12.54 -6.29 -10.14
CA LEU B 151 13.56 -5.48 -10.78
C LEU B 151 14.72 -5.28 -9.82
N THR B 152 15.93 -5.50 -10.33
CA THR B 152 17.12 -5.34 -9.54
C THR B 152 18.18 -4.59 -10.33
N TRP B 153 19.23 -4.16 -9.65
CA TRP B 153 20.31 -3.42 -10.28
C TRP B 153 21.61 -4.23 -10.34
N ASN B 154 22.31 -4.12 -11.48
CA ASN B 154 23.55 -4.85 -11.68
C ASN B 154 23.32 -6.29 -11.25
N SER B 155 22.38 -6.93 -11.92
CA SER B 155 22.01 -8.32 -11.66
C SER B 155 21.95 -8.64 -10.17
N GLY B 156 21.56 -7.64 -9.37
CA GLY B 156 21.46 -7.83 -7.93
C GLY B 156 22.60 -7.23 -7.14
N SER B 157 23.77 -7.11 -7.77
CA SER B 157 24.95 -6.57 -7.11
C SER B 157 24.65 -5.27 -6.38
N LEU B 158 24.04 -4.32 -7.08
CA LEU B 158 23.68 -3.04 -6.48
C LEU B 158 22.38 -3.20 -5.73
N SER B 159 22.44 -3.04 -4.41
CA SER B 159 21.24 -3.18 -3.58
C SER B 159 21.11 -1.98 -2.63
N SER B 160 22.23 -1.35 -2.31
CA SER B 160 22.22 -0.20 -1.42
C SER B 160 21.90 1.05 -2.22
N GLY B 161 21.21 1.99 -1.57
CA GLY B 161 20.85 3.23 -2.25
C GLY B 161 19.89 3.00 -3.40
N VAL B 162 18.94 2.08 -3.19
CA VAL B 162 17.96 1.76 -4.21
C VAL B 162 16.55 1.99 -3.66
N HIS B 163 15.68 2.53 -4.51
CA HIS B 163 14.29 2.78 -4.13
C HIS B 163 13.36 2.32 -5.25
N THR B 164 12.82 1.12 -5.12
CA THR B 164 11.88 0.69 -6.14
C THR B 164 10.51 1.09 -5.59
N PHE B 165 9.85 2.03 -6.26
CA PHE B 165 8.56 2.49 -5.80
C PHE B 165 7.42 1.57 -6.24
N PRO B 166 6.33 1.55 -5.45
CA PRO B 166 5.15 0.71 -5.73
C PRO B 166 4.55 1.01 -7.11
N ALA B 167 4.19 -0.04 -7.83
CA ALA B 167 3.59 0.12 -9.14
C ALA B 167 2.27 0.87 -9.00
N LEU B 168 1.79 1.40 -10.12
CA LEU B 168 0.55 2.16 -10.13
C LEU B 168 -0.22 1.92 -11.45
N LEU B 169 -1.54 2.05 -11.41
CA LEU B 169 -2.34 1.86 -12.62
C LEU B 169 -2.30 3.09 -13.51
N GLN B 170 -1.76 2.94 -14.72
CA GLN B 170 -1.66 4.04 -15.65
C GLN B 170 -2.40 3.64 -16.93
N SER B 171 -3.62 4.16 -17.09
CA SER B 171 -4.48 3.87 -18.24
C SER B 171 -4.55 2.37 -18.56
N GLY B 172 -5.13 1.61 -17.62
CA GLY B 172 -5.31 0.16 -17.74
C GLY B 172 -4.10 -0.72 -17.43
N LEU B 173 -2.89 -0.22 -17.67
CA LEU B 173 -1.70 -1.03 -17.38
C LEU B 173 -0.98 -0.56 -16.11
N TYR B 174 0.09 -1.27 -15.73
CA TYR B 174 0.85 -0.91 -14.52
C TYR B 174 2.18 -0.24 -14.86
N THR B 175 2.56 0.74 -14.05
CA THR B 175 3.82 1.44 -14.24
C THR B 175 4.60 1.49 -12.92
N LEU B 176 5.88 1.16 -13.00
CA LEU B 176 6.76 1.15 -11.86
C LEU B 176 8.06 1.89 -12.17
N SER B 177 8.71 2.43 -11.14
CA SER B 177 9.96 3.13 -11.34
C SER B 177 10.90 2.93 -10.16
N SER B 178 12.19 2.77 -10.45
CA SER B 178 13.19 2.55 -9.43
C SER B 178 14.31 3.57 -9.57
N SER B 179 14.95 3.92 -8.46
CA SER B 179 16.06 4.85 -8.50
C SER B 179 17.19 4.27 -7.66
N VAL B 180 18.42 4.55 -8.07
CA VAL B 180 19.59 4.05 -7.36
C VAL B 180 20.59 5.19 -7.30
N THR B 181 21.32 5.28 -6.20
CA THR B 181 22.30 6.33 -6.07
C THR B 181 23.69 5.78 -5.74
N VAL B 182 24.67 6.25 -6.50
CA VAL B 182 26.06 5.82 -6.31
C VAL B 182 26.91 7.08 -6.28
N THR B 183 28.15 6.97 -5.80
CA THR B 183 29.01 8.15 -5.75
C THR B 183 29.35 8.59 -7.18
N SER B 184 29.53 9.90 -7.34
CA SER B 184 29.83 10.50 -8.64
C SER B 184 30.93 9.89 -9.51
N ASN B 185 32.02 9.41 -8.90
CA ASN B 185 33.09 8.84 -9.71
C ASN B 185 32.85 7.40 -10.13
N THR B 186 31.91 6.72 -9.47
CA THR B 186 31.57 5.33 -9.79
C THR B 186 31.00 5.27 -11.20
N TRP B 187 29.95 6.05 -11.42
CA TRP B 187 29.26 6.11 -12.71
C TRP B 187 29.67 7.40 -13.41
N PRO B 188 29.76 7.39 -14.76
CA PRO B 188 29.51 6.25 -15.66
C PRO B 188 30.72 5.34 -15.96
N SER B 189 31.83 5.56 -15.26
CA SER B 189 33.01 4.74 -15.50
C SER B 189 32.67 3.25 -15.41
N GLN B 190 31.94 2.86 -14.37
CA GLN B 190 31.52 1.47 -14.19
C GLN B 190 30.07 1.26 -14.64
N THR B 191 29.85 0.34 -15.57
CA THR B 191 28.51 0.07 -16.07
C THR B 191 27.45 -0.22 -15.00
N ILE B 192 26.27 0.36 -15.18
CA ILE B 192 25.15 0.15 -14.26
C ILE B 192 23.95 -0.28 -15.09
N THR B 193 23.42 -1.47 -14.81
CA THR B 193 22.27 -1.99 -15.56
C THR B 193 21.06 -2.25 -14.69
N CYS B 194 19.89 -2.07 -15.30
CA CYS B 194 18.62 -2.29 -14.62
C CYS B 194 17.99 -3.57 -15.17
N ASN B 195 17.77 -4.55 -14.31
CA ASN B 195 17.18 -5.84 -14.71
C ASN B 195 15.68 -5.84 -14.45
N VAL B 196 14.90 -6.07 -15.49
CA VAL B 196 13.46 -6.13 -15.34
C VAL B 196 12.92 -7.44 -15.90
N ALA B 197 12.32 -8.24 -15.03
CA ALA B 197 11.76 -9.52 -15.46
C ALA B 197 10.26 -9.49 -15.22
N HIS B 198 9.50 -10.00 -16.19
CA HIS B 198 8.05 -10.05 -16.06
C HIS B 198 7.55 -11.49 -16.23
N PRO B 199 7.56 -12.28 -15.14
CA PRO B 199 7.11 -13.67 -15.17
C PRO B 199 5.92 -13.91 -16.08
N ALA B 200 4.87 -13.10 -15.90
CA ALA B 200 3.66 -13.22 -16.70
C ALA B 200 3.94 -13.39 -18.19
N SER B 201 4.47 -12.36 -18.83
CA SER B 201 4.75 -12.40 -20.27
C SER B 201 6.07 -13.09 -20.59
N SER B 202 6.74 -13.59 -19.56
CA SER B 202 8.04 -14.25 -19.72
C SER B 202 9.04 -13.26 -20.36
N THR B 203 9.13 -12.08 -19.76
CA THR B 203 10.02 -11.03 -20.25
C THR B 203 11.27 -10.90 -19.38
N LYS B 204 12.42 -10.78 -20.04
CA LYS B 204 13.70 -10.62 -19.37
C LYS B 204 14.42 -9.47 -20.06
N VAL B 205 14.30 -8.27 -19.50
CA VAL B 205 14.94 -7.11 -20.09
C VAL B 205 16.07 -6.57 -19.23
N ASP B 206 17.11 -6.05 -19.90
CA ASP B 206 18.27 -5.45 -19.24
C ASP B 206 18.53 -4.09 -19.90
N LYS B 207 18.41 -3.02 -19.12
CA LYS B 207 18.64 -1.69 -19.65
C LYS B 207 19.94 -1.14 -19.07
N LYS B 208 20.90 -0.86 -19.94
CA LYS B 208 22.18 -0.31 -19.52
C LYS B 208 21.99 1.20 -19.47
N ILE B 209 22.36 1.82 -18.35
CA ILE B 209 22.21 3.28 -18.22
C ILE B 209 23.40 3.99 -18.82
N GLU B 210 23.16 4.57 -19.99
CA GLU B 210 24.17 5.29 -20.75
C GLU B 210 23.95 6.80 -20.59
N PRO B 211 25.03 7.59 -20.48
CA PRO B 211 24.89 9.04 -20.32
C PRO B 211 24.13 9.62 -21.51
N ARG B 212 23.76 10.91 -21.42
CA ARG B 212 23.02 11.57 -22.49
C ARG B 212 23.86 12.34 -23.50
N VAL B 213 23.19 12.98 -24.45
CA VAL B 213 23.80 13.78 -25.51
C VAL B 213 24.50 12.86 -26.52
N ASP C 1 -8.73 -20.06 22.23
CA ASP C 1 -8.43 -19.07 23.31
C ASP C 1 -9.64 -18.21 23.67
N ALA C 2 -10.27 -17.61 22.65
CA ALA C 2 -11.45 -16.78 22.88
C ALA C 2 -12.69 -17.65 22.72
N THR C 3 -13.71 -17.37 23.53
CA THR C 3 -14.97 -18.11 23.49
C THR C 3 -15.97 -17.32 22.66
N PRO C 4 -17.16 -17.89 22.41
CA PRO C 4 -18.19 -17.20 21.63
C PRO C 4 -18.51 -15.80 22.15
N GLU C 5 -17.62 -15.28 23.02
CA GLU C 5 -17.71 -13.94 23.58
C GLU C 5 -17.16 -12.99 22.51
N ASP C 6 -17.32 -13.41 21.26
CA ASP C 6 -16.96 -12.64 20.10
C ASP C 6 -18.35 -12.20 19.62
N LEU C 7 -19.30 -12.28 20.55
CA LEU C 7 -20.71 -11.95 20.32
C LEU C 7 -21.27 -12.75 19.15
N ASN C 8 -21.42 -14.06 19.34
CA ASN C 8 -21.94 -14.90 18.27
C ASN C 8 -23.45 -14.87 18.12
N ALA C 9 -24.02 -13.68 17.98
CA ALA C 9 -25.46 -13.53 17.80
C ALA C 9 -25.89 -13.96 16.40
N LYS C 10 -25.50 -15.18 16.01
CA LYS C 10 -25.81 -15.72 14.68
C LYS C 10 -25.53 -14.71 13.59
N LEU C 11 -26.58 -14.33 12.86
CA LEU C 11 -26.49 -13.37 11.76
C LEU C 11 -25.05 -13.06 11.38
#